data_1WN0
#
_entry.id   1WN0
#
_cell.length_a   148.800
_cell.length_b   81.410
_cell.length_c   89.500
_cell.angle_alpha   90.00
_cell.angle_beta   123.42
_cell.angle_gamma   90.00
#
_symmetry.space_group_name_H-M   'C 1 2 1'
#
loop_
_entity.id
_entity.type
_entity.pdbx_description
1 polymer 'histidine-containing phosphotransfer protein'
2 water water
#
_entity_poly.entity_id   1
_entity_poly.type   'polypeptide(L)'
_entity_poly.pdbx_seq_one_letter_code
;MAAAALREQLNALLSSMFASGLVDEQFQQLQMLQEDGGTPGFVAEVVTLFCDDADRIISELAALLDQPIVDFDKVDAYVH
QLKGSSASVGAQKVKFTCMQFRQLCQDKNRDGCIMALAVVRNEFYDLRNKFQTMLQLEQQIQAQQ
;
_entity_poly.pdbx_strand_id   A,B,C,D
#
# COMPACT_ATOMS: atom_id res chain seq x y z
N GLN A 9 23.22 -6.13 13.16
CA GLN A 9 24.67 -5.89 12.79
C GLN A 9 24.72 -4.92 11.56
N LEU A 10 24.98 -5.51 10.39
CA LEU A 10 24.72 -4.93 9.10
C LEU A 10 23.22 -4.68 8.96
N ASN A 11 22.37 -5.64 9.38
CA ASN A 11 20.91 -5.43 9.39
C ASN A 11 20.47 -4.14 10.13
N ALA A 12 21.14 -3.82 11.24
CA ALA A 12 20.77 -2.70 12.08
C ALA A 12 21.34 -1.39 11.52
N LEU A 13 22.56 -1.44 10.95
CA LEU A 13 23.14 -0.34 10.15
C LEU A 13 22.23 0.07 9.01
N LEU A 14 21.84 -0.91 8.24
CA LEU A 14 20.88 -0.74 7.14
C LEU A 14 19.56 -0.18 7.59
N SER A 15 18.94 -0.71 8.66
CA SER A 15 17.67 -0.12 9.11
C SER A 15 17.81 1.32 9.56
N SER A 16 18.91 1.61 10.22
CA SER A 16 19.24 2.96 10.64
C SER A 16 19.34 3.92 9.40
N MET A 17 19.94 3.42 8.34
CA MET A 17 20.12 4.22 7.18
C MET A 17 18.73 4.58 6.60
N PHE A 18 17.77 3.64 6.55
CA PHE A 18 16.43 3.97 5.96
C PHE A 18 15.60 4.78 6.92
N ALA A 19 15.71 4.45 8.19
CA ALA A 19 14.85 4.99 9.22
C ALA A 19 15.18 6.45 9.41
N SER A 20 16.47 6.76 9.36
CA SER A 20 16.94 8.18 9.29
C SER A 20 16.80 8.87 7.89
N GLY A 21 16.34 8.10 6.90
CA GLY A 21 16.16 8.66 5.55
C GLY A 21 17.43 9.00 4.74
N LEU A 22 18.61 8.52 5.10
CA LEU A 22 19.79 8.73 4.20
C LEU A 22 19.62 8.05 2.84
N VAL A 23 18.91 6.92 2.87
CA VAL A 23 18.61 6.19 1.67
C VAL A 23 17.14 5.93 1.65
N ASP A 24 16.52 5.96 0.48
CA ASP A 24 15.08 5.64 0.28
C ASP A 24 14.85 4.14 -0.26
N GLU A 25 13.64 3.80 -0.66
CA GLU A 25 13.30 2.53 -1.36
C GLU A 25 14.10 2.14 -2.63
N GLN A 26 14.55 3.05 -3.45
CA GLN A 26 15.41 2.51 -4.49
C GLN A 26 16.59 1.78 -3.85
N PHE A 27 17.27 2.37 -2.84
CA PHE A 27 18.38 1.68 -2.22
C PHE A 27 18.04 0.28 -1.78
N GLN A 28 16.83 0.08 -1.24
CA GLN A 28 16.32 -1.23 -0.84
C GLN A 28 16.42 -2.27 -1.96
N GLN A 29 16.01 -1.81 -3.14
CA GLN A 29 16.00 -2.63 -4.35
C GLN A 29 17.46 -3.04 -4.69
N LEU A 30 18.36 -2.12 -4.47
CA LEU A 30 19.77 -2.38 -4.70
C LEU A 30 20.33 -3.46 -3.86
N GLN A 31 20.00 -3.42 -2.58
CA GLN A 31 20.62 -4.27 -1.62
C GLN A 31 19.99 -5.62 -1.70
N MET A 32 18.76 -5.68 -2.16
CA MET A 32 18.07 -6.99 -2.42
C MET A 32 18.93 -7.78 -3.46
N LEU A 33 19.57 -7.05 -4.37
CA LEU A 33 20.47 -7.63 -5.33
C LEU A 33 21.71 -8.24 -4.66
N GLN A 34 22.33 -7.56 -3.69
CA GLN A 34 23.57 -8.03 -3.03
C GLN A 34 23.28 -9.27 -2.19
N GLU A 35 22.07 -9.31 -1.60
CA GLU A 35 21.65 -10.40 -0.67
C GLU A 35 21.30 -11.72 -1.44
N ASP A 36 21.20 -11.64 -2.76
CA ASP A 36 20.95 -12.80 -3.64
C ASP A 36 22.34 -13.18 -4.22
N GLY A 37 22.70 -14.46 -4.22
CA GLY A 37 23.99 -14.82 -4.81
C GLY A 37 24.40 -14.02 -6.08
N GLY A 38 23.49 -13.84 -7.04
CA GLY A 38 23.83 -13.95 -8.46
C GLY A 38 24.29 -12.69 -9.21
N THR A 39 24.63 -11.63 -8.45
CA THR A 39 25.14 -10.42 -9.04
C THR A 39 26.40 -9.85 -8.37
N PRO A 40 27.50 -10.62 -8.35
CA PRO A 40 28.58 -10.30 -7.42
C PRO A 40 29.31 -9.05 -7.87
N GLY A 41 29.53 -8.20 -6.87
CA GLY A 41 30.34 -6.99 -6.95
C GLY A 41 29.55 -5.78 -7.48
N PHE A 42 28.27 -6.00 -7.88
CA PHE A 42 27.48 -4.99 -8.54
C PHE A 42 27.14 -3.83 -7.63
N VAL A 43 26.46 -4.19 -6.57
CA VAL A 43 26.17 -3.26 -5.53
C VAL A 43 27.39 -2.45 -5.07
N ALA A 44 28.48 -3.14 -4.76
CA ALA A 44 29.69 -2.51 -4.28
C ALA A 44 30.27 -1.55 -5.30
N GLU A 45 30.27 -1.93 -6.58
CA GLU A 45 30.80 -1.10 -7.63
C GLU A 45 29.94 0.21 -7.81
N VAL A 46 28.63 0.06 -7.76
CA VAL A 46 27.70 1.20 -7.95
C VAL A 46 27.89 2.16 -6.79
N VAL A 47 27.97 1.62 -5.59
CA VAL A 47 28.16 2.43 -4.39
C VAL A 47 29.47 3.16 -4.34
N THR A 48 30.53 2.47 -4.63
CA THR A 48 31.84 3.04 -4.68
C THR A 48 31.86 4.13 -5.69
N LEU A 49 31.27 3.88 -6.86
CA LEU A 49 31.22 4.86 -8.00
C LEU A 49 30.48 6.16 -7.48
N PHE A 50 29.47 5.96 -6.64
CA PHE A 50 28.80 7.14 -6.06
C PHE A 50 29.76 7.90 -5.12
N CYS A 51 30.40 7.16 -4.20
CA CYS A 51 31.41 7.79 -3.31
C CYS A 51 32.55 8.51 -4.13
N ASP A 52 33.08 7.92 -5.22
CA ASP A 52 34.10 8.61 -5.98
C ASP A 52 33.58 9.74 -6.80
N ASP A 53 32.45 9.57 -7.50
CA ASP A 53 31.86 10.66 -8.24
C ASP A 53 31.44 11.80 -7.32
N ALA A 54 30.65 11.52 -6.31
CA ALA A 54 30.15 12.61 -5.44
C ALA A 54 31.34 13.48 -4.91
N ASP A 55 32.39 12.76 -4.49
CA ASP A 55 33.56 13.36 -3.91
C ASP A 55 34.28 14.25 -4.92
N ARG A 56 34.41 13.80 -6.15
CA ARG A 56 35.16 14.58 -7.14
C ARG A 56 34.22 15.78 -7.55
N ILE A 57 32.91 15.52 -7.70
CA ILE A 57 32.03 16.67 -8.13
C ILE A 57 31.93 17.83 -7.09
N ILE A 58 31.85 17.46 -5.86
CA ILE A 58 31.90 18.40 -4.69
C ILE A 58 33.15 19.25 -4.62
N SER A 59 34.35 18.61 -4.81
CA SER A 59 35.57 19.39 -5.00
C SER A 59 35.61 20.26 -6.16
N GLU A 60 35.20 19.76 -7.32
CA GLU A 60 35.08 20.70 -8.42
C GLU A 60 34.09 21.87 -8.14
N LEU A 61 32.90 21.56 -7.55
CA LEU A 61 31.97 22.67 -7.25
C LEU A 61 32.60 23.75 -6.33
N ALA A 62 33.38 23.30 -5.33
CA ALA A 62 33.97 24.18 -4.34
C ALA A 62 34.94 25.12 -5.04
N ALA A 63 35.79 24.59 -5.95
CA ALA A 63 36.72 25.43 -6.71
C ALA A 63 35.92 26.33 -7.61
N LEU A 64 34.91 25.80 -8.28
CA LEU A 64 34.20 26.80 -9.18
C LEU A 64 33.61 27.99 -8.42
N LEU A 65 32.99 27.64 -7.26
CA LEU A 65 32.33 28.70 -6.41
C LEU A 65 33.23 29.70 -5.65
N ASP A 66 34.52 29.52 -5.77
CA ASP A 66 35.51 30.44 -5.25
C ASP A 66 36.27 31.28 -6.25
N GLN A 67 35.88 31.29 -7.52
CA GLN A 67 36.61 31.99 -8.55
C GLN A 67 36.04 33.31 -8.48
N PRO A 68 36.78 34.24 -8.98
CA PRO A 68 36.32 35.59 -9.10
C PRO A 68 35.00 35.77 -9.82
N ILE A 69 34.88 35.30 -11.06
CA ILE A 69 33.63 35.24 -11.80
C ILE A 69 33.21 33.76 -11.80
N VAL A 70 32.06 33.49 -11.27
CA VAL A 70 31.56 32.15 -11.20
C VAL A 70 30.87 31.73 -12.44
N ASP A 71 31.31 30.61 -13.01
CA ASP A 71 30.58 30.01 -14.16
C ASP A 71 29.32 29.21 -13.69
N PHE A 72 28.16 29.87 -13.67
CA PHE A 72 26.99 29.28 -13.06
C PHE A 72 26.35 28.13 -13.85
N ASP A 73 26.52 28.13 -15.14
CA ASP A 73 26.10 27.06 -16.05
C ASP A 73 26.89 25.75 -15.79
N LYS A 74 28.20 25.88 -15.63
CA LYS A 74 29.01 24.78 -15.16
C LYS A 74 28.70 24.27 -13.78
N VAL A 75 28.43 25.18 -12.79
CA VAL A 75 28.04 24.62 -11.43
C VAL A 75 26.80 23.77 -11.64
N ASP A 76 25.85 24.34 -12.35
CA ASP A 76 24.58 23.66 -12.67
C ASP A 76 24.79 22.30 -13.38
N ALA A 77 25.56 22.32 -14.43
CA ALA A 77 25.87 20.97 -15.03
C ALA A 77 26.55 19.98 -13.98
N TYR A 78 27.49 20.49 -13.10
CA TYR A 78 28.12 19.59 -12.08
C TYR A 78 27.10 19.09 -11.10
N VAL A 79 26.22 19.98 -10.66
CA VAL A 79 25.14 19.54 -9.78
C VAL A 79 24.27 18.54 -10.42
N HIS A 80 23.89 18.79 -11.65
CA HIS A 80 23.09 17.82 -12.39
C HIS A 80 23.70 16.38 -12.42
N GLN A 81 25.02 16.28 -12.61
CA GLN A 81 25.74 15.04 -12.41
C GLN A 81 25.67 14.53 -11.00
N LEU A 82 25.76 15.41 -10.00
CA LEU A 82 25.71 14.92 -8.63
C LEU A 82 24.33 14.36 -8.34
N LYS A 83 23.31 15.04 -8.89
CA LYS A 83 21.92 14.57 -8.77
C LYS A 83 21.74 13.16 -9.33
N GLY A 84 22.19 12.93 -10.56
CA GLY A 84 22.10 11.55 -11.17
C GLY A 84 22.90 10.52 -10.35
N SER A 85 24.03 10.90 -9.83
CA SER A 85 24.84 9.95 -8.99
C SER A 85 24.12 9.60 -7.68
N SER A 86 23.51 10.60 -7.06
CA SER A 86 22.93 10.42 -5.78
C SER A 86 21.65 9.63 -6.01
N ALA A 87 21.00 9.92 -7.16
CA ALA A 87 19.74 9.14 -7.53
C ALA A 87 20.01 7.65 -7.81
N SER A 88 21.17 7.33 -8.39
CA SER A 88 21.52 5.91 -8.58
C SER A 88 21.59 5.00 -7.36
N VAL A 89 21.94 5.55 -6.21
CA VAL A 89 21.95 4.76 -4.98
C VAL A 89 20.85 5.18 -4.04
N GLY A 90 19.86 5.93 -4.49
CA GLY A 90 18.77 6.39 -3.62
C GLY A 90 19.22 7.30 -2.47
N ALA A 91 20.34 8.07 -2.64
CA ALA A 91 20.77 9.07 -1.59
C ALA A 91 19.82 10.32 -1.64
N GLN A 92 18.65 10.15 -1.14
CA GLN A 92 17.58 11.04 -1.36
C GLN A 92 17.84 12.43 -0.75
N LYS A 93 18.52 12.54 0.35
CA LYS A 93 18.68 13.86 0.96
C LYS A 93 19.69 14.65 0.09
N VAL A 94 20.75 13.99 -0.34
CA VAL A 94 21.68 14.65 -1.35
C VAL A 94 20.98 15.05 -2.62
N LYS A 95 20.20 14.12 -3.21
CA LYS A 95 19.47 14.42 -4.48
C LYS A 95 18.58 15.62 -4.26
N PHE A 96 17.85 15.63 -3.14
CA PHE A 96 16.98 16.77 -2.88
C PHE A 96 17.75 18.03 -2.78
N THR A 97 18.88 18.04 -2.07
CA THR A 97 19.78 19.25 -2.14
C THR A 97 20.18 19.75 -3.49
N CYS A 98 20.56 18.82 -4.34
CA CYS A 98 21.03 19.10 -5.65
C CYS A 98 19.98 19.88 -6.37
N MET A 99 18.74 19.50 -6.12
CA MET A 99 17.60 20.17 -6.78
C MET A 99 17.35 21.63 -6.40
N GLN A 100 17.86 22.10 -5.28
CA GLN A 100 17.70 23.52 -4.87
C GLN A 100 18.68 24.44 -5.50
N PHE A 101 19.63 23.88 -6.28
CA PHE A 101 20.67 24.72 -6.96
C PHE A 101 20.09 25.45 -8.15
N ARG A 102 18.96 24.97 -8.62
CA ARG A 102 18.45 25.55 -9.85
C ARG A 102 18.06 26.96 -9.67
N GLN A 103 17.29 27.22 -8.66
CA GLN A 103 16.93 28.59 -8.54
C GLN A 103 18.25 29.38 -8.24
N LEU A 104 19.18 28.77 -7.47
CA LEU A 104 20.35 29.46 -7.05
C LEU A 104 21.24 29.88 -8.22
N CYS A 105 21.40 28.96 -9.15
CA CYS A 105 22.13 29.22 -10.34
C CYS A 105 21.38 30.15 -11.26
N GLN A 106 20.04 30.00 -11.36
CA GLN A 106 19.24 31.01 -12.09
C GLN A 106 19.56 32.40 -11.61
N ASP A 107 19.59 32.51 -10.26
CA ASP A 107 19.87 33.83 -9.73
C ASP A 107 21.31 34.16 -9.70
N LYS A 108 22.25 33.23 -10.00
CA LYS A 108 23.63 33.64 -9.86
C LYS A 108 23.98 34.12 -8.48
N ASN A 109 23.49 33.36 -7.49
CA ASN A 109 23.56 33.59 -6.06
C ASN A 109 24.70 32.67 -5.56
N ARG A 110 25.90 33.27 -5.60
CA ARG A 110 27.03 32.61 -4.99
C ARG A 110 26.86 32.28 -3.53
N ASP A 111 26.29 33.18 -2.76
CA ASP A 111 26.09 32.88 -1.33
C ASP A 111 25.31 31.59 -1.20
N GLY A 112 24.24 31.51 -1.93
CA GLY A 112 23.35 30.40 -1.73
C GLY A 112 23.91 29.07 -2.23
N CYS A 113 24.65 29.13 -3.29
CA CYS A 113 25.35 27.95 -3.84
C CYS A 113 26.37 27.47 -2.84
N ILE A 114 27.04 28.37 -2.14
CA ILE A 114 28.10 27.94 -1.17
C ILE A 114 27.41 27.27 0.00
N MET A 115 26.26 27.80 0.38
CA MET A 115 25.56 27.22 1.50
C MET A 115 25.04 25.92 1.02
N ALA A 116 24.39 25.82 -0.15
CA ALA A 116 23.86 24.52 -0.49
C ALA A 116 24.96 23.53 -0.70
N LEU A 117 26.10 23.98 -1.26
CA LEU A 117 27.21 23.05 -1.29
C LEU A 117 27.61 22.51 0.04
N ALA A 118 27.69 23.36 1.10
CA ALA A 118 28.04 22.81 2.42
C ALA A 118 26.97 21.86 2.92
N VAL A 119 25.68 22.15 2.62
CA VAL A 119 24.69 21.19 3.11
C VAL A 119 24.95 19.86 2.42
N VAL A 120 25.17 19.93 1.12
CA VAL A 120 25.39 18.67 0.33
C VAL A 120 26.64 17.88 0.73
N ARG A 121 27.68 18.64 1.01
CA ARG A 121 28.93 18.07 1.62
C ARG A 121 28.68 17.35 2.94
N ASN A 122 27.94 17.96 3.85
CA ASN A 122 27.64 17.27 5.10
C ASN A 122 26.84 16.04 4.93
N GLU A 123 25.79 16.09 4.08
CA GLU A 123 24.88 14.94 3.88
C GLU A 123 25.64 13.82 3.11
N PHE A 124 26.47 14.23 2.19
CA PHE A 124 27.34 13.27 1.56
C PHE A 124 28.36 12.55 2.53
N TYR A 125 29.17 13.32 3.31
CA TYR A 125 30.12 12.72 4.23
C TYR A 125 29.38 11.74 5.16
N ASP A 126 28.21 12.09 5.63
CA ASP A 126 27.43 11.19 6.53
C ASP A 126 27.03 9.88 5.80
N LEU A 127 26.53 9.97 4.56
CA LEU A 127 26.11 8.78 3.88
C LEU A 127 27.29 7.99 3.44
N ARG A 128 28.29 8.66 2.90
CA ARG A 128 29.49 7.92 2.62
C ARG A 128 30.00 7.00 3.77
N ASN A 129 30.10 7.59 5.00
CA ASN A 129 30.61 6.86 6.14
C ASN A 129 29.79 5.64 6.45
N LYS A 130 28.48 5.76 6.35
CA LYS A 130 27.63 4.65 6.49
C LYS A 130 27.92 3.60 5.43
N PHE A 131 28.04 4.02 4.20
CA PHE A 131 28.22 3.09 3.07
C PHE A 131 29.55 2.36 3.26
N GLN A 132 30.54 3.03 3.84
CA GLN A 132 31.87 2.47 3.90
C GLN A 132 31.90 1.33 4.96
N THR A 133 31.34 1.58 6.13
CA THR A 133 31.13 0.47 7.07
C THR A 133 30.18 -0.60 6.50
N MET A 134 29.16 -0.19 5.79
CA MET A 134 28.34 -1.18 5.10
C MET A 134 29.20 -2.20 4.39
N LEU A 135 30.11 -1.70 3.52
CA LEU A 135 30.85 -2.54 2.64
C LEU A 135 31.88 -3.32 3.40
N GLN A 136 32.38 -2.75 4.46
CA GLN A 136 33.43 -3.38 5.20
C GLN A 136 32.80 -4.56 5.96
N LEU A 137 31.71 -4.34 6.68
CA LEU A 137 30.98 -5.43 7.29
C LEU A 137 30.77 -6.58 6.25
N GLU A 138 30.29 -6.26 5.07
CA GLU A 138 30.10 -7.31 4.04
C GLU A 138 31.40 -8.17 3.64
N GLN A 139 32.59 -7.53 3.47
CA GLN A 139 33.90 -8.22 3.24
C GLN A 139 34.37 -9.25 4.31
N ASN B 11 -20.63 1.60 -12.19
CA ASN B 11 -21.78 2.35 -11.58
C ASN B 11 -21.40 3.62 -10.81
N ALA B 12 -22.16 4.68 -11.06
CA ALA B 12 -21.76 6.04 -10.74
C ALA B 12 -22.49 6.54 -9.50
N LEU B 13 -23.61 5.87 -9.17
CA LEU B 13 -24.31 6.00 -7.87
C LEU B 13 -23.39 5.62 -6.69
N LEU B 14 -22.62 4.51 -6.88
CA LEU B 14 -21.62 4.02 -5.92
C LEU B 14 -20.49 5.01 -5.74
N SER B 15 -19.69 5.22 -6.79
CA SER B 15 -18.69 6.33 -6.85
C SER B 15 -18.99 7.56 -5.95
N SER B 16 -20.14 8.17 -6.25
CA SER B 16 -20.76 9.32 -5.54
C SER B 16 -21.07 9.12 -3.99
N MET B 17 -21.68 8.00 -3.63
CA MET B 17 -21.85 7.66 -2.21
C MET B 17 -20.54 7.73 -1.45
N PHE B 18 -19.45 7.11 -1.98
CA PHE B 18 -18.12 7.13 -1.29
C PHE B 18 -17.52 8.50 -1.31
N ALA B 19 -17.56 9.05 -2.51
CA ALA B 19 -17.10 10.39 -2.80
C ALA B 19 -17.62 11.33 -1.73
N SER B 20 -18.94 11.38 -1.56
CA SER B 20 -19.57 12.37 -0.71
C SER B 20 -19.57 11.95 0.77
N GLY B 21 -19.10 10.73 1.03
CA GLY B 21 -18.83 10.27 2.36
C GLY B 21 -20.01 9.68 3.12
N LEU B 22 -21.11 9.41 2.46
CA LEU B 22 -22.25 8.72 3.15
C LEU B 22 -21.91 7.26 3.61
N VAL B 23 -21.07 6.62 2.78
CA VAL B 23 -20.46 5.41 3.15
C VAL B 23 -18.97 5.66 2.96
N ASP B 24 -18.19 4.89 3.69
CA ASP B 24 -16.72 4.86 3.78
C ASP B 24 -16.19 3.48 3.25
N GLU B 25 -14.99 3.09 3.65
CA GLU B 25 -14.40 1.80 3.22
C GLU B 25 -15.04 0.48 3.70
N GLN B 26 -15.53 0.30 4.93
CA GLN B 26 -16.28 -0.93 5.14
C GLN B 26 -17.20 -1.10 3.93
N PHE B 27 -17.88 -0.05 3.46
CA PHE B 27 -18.98 -0.32 2.57
C PHE B 27 -18.48 -0.99 1.27
N GLN B 28 -17.32 -0.55 0.74
CA GLN B 28 -16.76 -1.06 -0.53
C GLN B 28 -16.56 -2.61 -0.34
N GLN B 29 -16.02 -2.94 0.81
CA GLN B 29 -15.93 -4.31 1.23
C GLN B 29 -17.24 -5.14 1.17
N LEU B 30 -18.36 -4.52 1.51
CA LEU B 30 -19.65 -5.18 1.33
C LEU B 30 -20.03 -5.33 -0.12
N GLN B 31 -19.84 -4.28 -0.90
CA GLN B 31 -20.27 -4.32 -2.32
C GLN B 31 -19.46 -5.32 -3.14
N MET B 32 -18.16 -5.42 -2.86
CA MET B 32 -17.31 -6.44 -3.50
C MET B 32 -17.99 -7.83 -3.49
N LEU B 33 -18.47 -8.22 -2.32
CA LEU B 33 -19.27 -9.42 -2.13
C LEU B 33 -20.46 -9.59 -3.10
N GLN B 34 -21.20 -8.52 -3.43
CA GLN B 34 -22.21 -8.54 -4.54
C GLN B 34 -21.35 -8.37 -5.82
N THR B 39 -22.17 -15.37 -2.72
CA THR B 39 -23.04 -14.83 -1.60
C THR B 39 -24.32 -14.07 -2.06
N PRO B 40 -25.23 -14.74 -2.81
CA PRO B 40 -26.48 -14.07 -3.26
C PRO B 40 -27.31 -13.54 -2.08
N GLY B 41 -27.63 -12.23 -2.18
CA GLY B 41 -28.65 -11.59 -1.37
C GLY B 41 -28.15 -11.11 0.01
N PHE B 42 -26.85 -11.35 0.33
CA PHE B 42 -26.25 -11.04 1.61
C PHE B 42 -26.27 -9.53 1.70
N VAL B 43 -25.59 -8.85 0.74
CA VAL B 43 -25.52 -7.42 0.83
C VAL B 43 -26.92 -6.73 0.98
N ALA B 44 -27.82 -7.01 0.05
CA ALA B 44 -29.20 -6.62 0.11
C ALA B 44 -29.79 -6.77 1.44
N GLU B 45 -29.67 -7.96 2.00
CA GLU B 45 -30.34 -8.29 3.25
C GLU B 45 -29.71 -7.45 4.40
N VAL B 46 -28.36 -7.29 4.37
CA VAL B 46 -27.69 -6.45 5.39
C VAL B 46 -28.10 -5.00 5.31
N VAL B 47 -28.32 -4.55 4.09
CA VAL B 47 -28.54 -3.10 3.82
C VAL B 47 -29.99 -2.74 4.15
N THR B 48 -30.85 -3.68 3.90
CA THR B 48 -32.25 -3.56 4.15
C THR B 48 -32.52 -3.65 5.66
N LEU B 49 -31.83 -4.58 6.32
CA LEU B 49 -31.77 -4.63 7.80
C LEU B 49 -31.31 -3.25 8.44
N PHE B 50 -30.32 -2.59 7.91
CA PHE B 50 -29.97 -1.21 8.30
C PHE B 50 -31.11 -0.22 8.15
N CYS B 51 -31.72 -0.18 6.99
CA CYS B 51 -32.86 0.71 6.73
C CYS B 51 -34.05 0.46 7.63
N ASP B 52 -34.41 -0.78 7.85
CA ASP B 52 -35.46 -1.10 8.76
C ASP B 52 -35.08 -0.82 10.20
N ASP B 53 -33.87 -1.13 10.62
CA ASP B 53 -33.50 -1.03 12.06
C ASP B 53 -33.43 0.44 12.41
N ALA B 54 -32.75 1.19 11.59
CA ALA B 54 -32.51 2.59 11.77
C ALA B 54 -33.83 3.41 11.77
N ASP B 55 -34.72 3.11 10.84
CA ASP B 55 -36.04 3.68 10.82
C ASP B 55 -36.85 3.41 12.07
N ARG B 56 -36.84 2.17 12.55
CA ARG B 56 -37.59 1.85 13.77
C ARG B 56 -36.92 2.55 14.96
N ILE B 57 -35.63 2.46 15.05
CA ILE B 57 -34.93 3.06 16.23
C ILE B 57 -35.09 4.57 16.30
N ILE B 58 -35.00 5.24 15.16
CA ILE B 58 -35.13 6.67 15.13
C ILE B 58 -36.62 7.08 15.55
N SER B 59 -37.66 6.40 15.07
CA SER B 59 -39.03 6.64 15.61
C SER B 59 -39.12 6.37 17.09
N GLU B 60 -38.51 5.31 17.57
CA GLU B 60 -38.55 5.12 19.00
C GLU B 60 -37.76 6.26 19.76
N LEU B 61 -36.65 6.81 19.17
CA LEU B 61 -35.91 7.92 19.83
C LEU B 61 -36.84 9.12 19.90
N ALA B 62 -37.61 9.35 18.86
CA ALA B 62 -38.44 10.59 18.77
C ALA B 62 -39.53 10.53 19.81
N ALA B 63 -40.22 9.37 19.97
CA ALA B 63 -41.20 9.17 21.04
C ALA B 63 -40.55 9.29 22.39
N LEU B 64 -39.35 8.75 22.59
CA LEU B 64 -38.77 8.90 23.93
C LEU B 64 -38.49 10.32 24.27
N LEU B 65 -37.87 11.08 23.36
CA LEU B 65 -37.50 12.46 23.60
C LEU B 65 -38.63 13.49 23.71
N ASP B 66 -39.84 13.08 23.48
CA ASP B 66 -40.97 13.90 23.64
C ASP B 66 -41.81 13.52 24.84
N GLN B 67 -41.38 12.58 25.63
CA GLN B 67 -42.05 12.32 26.93
C GLN B 67 -41.81 13.39 27.99
N PRO B 68 -42.73 13.51 28.91
CA PRO B 68 -42.57 14.43 30.06
C PRO B 68 -41.29 14.30 30.84
N ILE B 69 -40.97 13.12 31.27
CA ILE B 69 -39.68 12.81 31.88
C ILE B 69 -39.03 11.86 30.95
N VAL B 70 -37.85 12.23 30.46
CA VAL B 70 -37.07 11.50 29.48
C VAL B 70 -36.21 10.47 30.14
N ASP B 71 -36.32 9.24 29.70
CA ASP B 71 -35.47 8.14 30.19
C ASP B 71 -34.15 8.20 29.35
N PHE B 72 -33.15 8.94 29.82
CA PHE B 72 -31.94 9.06 29.09
C PHE B 72 -30.98 7.82 28.94
N ASP B 73 -31.05 6.87 29.85
CA ASP B 73 -30.43 5.53 29.75
C ASP B 73 -31.06 4.76 28.53
N LYS B 74 -32.40 4.86 28.37
CA LYS B 74 -33.01 4.19 27.28
C LYS B 74 -32.65 4.89 25.93
N VAL B 75 -32.53 6.20 25.93
CA VAL B 75 -32.22 6.90 24.69
C VAL B 75 -30.84 6.46 24.26
N ASP B 76 -29.97 6.38 25.26
CA ASP B 76 -28.57 6.04 25.05
C ASP B 76 -28.45 4.57 24.63
N ALA B 77 -29.16 3.65 25.24
CA ALA B 77 -29.15 2.31 24.71
C ALA B 77 -29.69 2.18 23.18
N TYR B 78 -30.76 2.92 22.80
CA TYR B 78 -31.22 2.93 21.40
C TYR B 78 -30.19 3.54 20.46
N VAL B 79 -29.56 4.61 20.89
CA VAL B 79 -28.57 5.25 20.05
C VAL B 79 -27.39 4.27 19.87
N HIS B 80 -27.00 3.59 20.92
CA HIS B 80 -25.99 2.53 20.84
C HIS B 80 -26.37 1.46 19.78
N GLN B 81 -27.63 1.02 19.76
CA GLN B 81 -28.11 0.16 18.66
C GLN B 81 -28.00 0.82 17.28
N LEU B 82 -28.33 2.09 17.17
CA LEU B 82 -28.30 2.75 15.88
C LEU B 82 -26.81 2.85 15.37
N LYS B 83 -25.92 3.08 16.29
CA LYS B 83 -24.52 3.08 16.03
C LYS B 83 -24.04 1.79 15.47
N GLY B 84 -24.40 0.66 16.12
CA GLY B 84 -24.01 -0.70 15.67
C GLY B 84 -24.56 -0.95 14.26
N SER B 85 -25.83 -0.61 14.01
CA SER B 85 -26.45 -0.83 12.72
C SER B 85 -25.76 0.04 11.69
N SER B 86 -25.45 1.28 12.04
CA SER B 86 -24.91 2.12 11.03
C SER B 86 -23.50 1.68 10.68
N ALA B 87 -22.77 1.32 11.72
CA ALA B 87 -21.39 0.67 11.57
C ALA B 87 -21.38 -0.58 10.67
N SER B 88 -22.43 -1.43 10.65
CA SER B 88 -22.51 -2.56 9.76
C SER B 88 -22.49 -2.25 8.26
N VAL B 89 -23.00 -1.13 7.83
CA VAL B 89 -22.97 -0.85 6.46
C VAL B 89 -21.98 0.29 6.21
N GLY B 90 -21.12 0.60 7.18
CA GLY B 90 -20.14 1.70 7.02
C GLY B 90 -20.75 3.06 6.77
N ALA B 91 -21.92 3.32 7.35
CA ALA B 91 -22.60 4.60 7.22
C ALA B 91 -21.98 5.59 8.23
N GLN B 92 -20.77 6.01 7.91
CA GLN B 92 -19.98 6.89 8.75
C GLN B 92 -20.65 8.16 9.29
N LYS B 93 -21.50 8.83 8.53
CA LYS B 93 -21.95 10.12 9.11
C LYS B 93 -22.98 9.87 10.20
N VAL B 94 -23.81 8.91 9.96
CA VAL B 94 -24.86 8.49 10.95
C VAL B 94 -24.16 8.00 12.17
N LYS B 95 -23.14 7.13 11.97
CA LYS B 95 -22.37 6.60 13.08
C LYS B 95 -21.70 7.72 13.92
N PHE B 96 -21.18 8.73 13.29
CA PHE B 96 -20.53 9.77 14.02
C PHE B 96 -21.52 10.59 14.79
N THR B 97 -22.62 10.95 14.18
CA THR B 97 -23.69 11.54 14.91
C THR B 97 -24.13 10.73 16.14
N CYS B 98 -24.22 9.39 16.06
CA CYS B 98 -24.64 8.67 17.24
C CYS B 98 -23.64 8.88 18.32
N MET B 99 -22.34 9.04 17.97
CA MET B 99 -21.36 9.30 19.08
C MET B 99 -21.47 10.62 19.83
N GLN B 100 -22.13 11.61 19.24
CA GLN B 100 -22.27 12.88 19.94
C GLN B 100 -23.44 12.81 20.97
N PHE B 101 -24.18 11.71 21.01
CA PHE B 101 -25.23 11.58 22.06
C PHE B 101 -24.64 11.28 23.45
N ARG B 102 -23.41 10.79 23.54
CA ARG B 102 -22.97 10.42 24.88
C ARG B 102 -22.87 11.60 25.75
N GLN B 103 -22.20 12.63 25.27
CA GLN B 103 -22.20 13.80 26.15
C GLN B 103 -23.67 14.36 26.42
N LEU B 104 -24.59 14.23 25.44
CA LEU B 104 -25.94 14.82 25.53
C LEU B 104 -26.78 14.05 26.52
N CYS B 105 -26.76 12.73 26.44
CA CYS B 105 -27.38 11.89 27.46
C CYS B 105 -26.71 12.04 28.83
N GLN B 106 -25.39 12.22 28.92
CA GLN B 106 -24.78 12.36 30.26
C GLN B 106 -25.34 13.63 30.89
N ASP B 107 -25.45 14.65 30.05
CA ASP B 107 -25.99 15.84 30.54
C ASP B 107 -27.52 15.87 30.65
N LYS B 108 -28.24 14.82 30.20
CA LYS B 108 -29.73 14.87 30.24
C LYS B 108 -30.24 16.14 29.62
N ASN B 109 -29.66 16.52 28.48
CA ASN B 109 -29.96 17.64 27.64
C ASN B 109 -30.96 17.17 26.48
N ARG B 110 -32.26 17.27 26.77
CA ARG B 110 -33.23 17.10 25.74
C ARG B 110 -33.05 17.93 24.51
N ASP B 111 -32.83 19.21 24.67
CA ASP B 111 -32.58 20.05 23.51
C ASP B 111 -31.60 19.39 22.60
N GLY B 112 -30.46 19.08 23.15
CA GLY B 112 -29.41 18.53 22.29
C GLY B 112 -29.72 17.21 21.68
N CYS B 113 -30.39 16.36 22.41
CA CYS B 113 -30.67 15.03 21.87
C CYS B 113 -31.64 15.18 20.66
N ILE B 114 -32.57 16.15 20.76
CA ILE B 114 -33.57 16.42 19.71
C ILE B 114 -32.86 16.94 18.57
N MET B 115 -31.96 17.93 18.77
CA MET B 115 -31.24 18.48 17.66
C MET B 115 -30.39 17.35 16.99
N ALA B 116 -29.69 16.53 17.80
CA ALA B 116 -28.83 15.43 17.21
C ALA B 116 -29.70 14.45 16.54
N LEU B 117 -30.94 14.30 17.04
CA LEU B 117 -31.85 13.27 16.44
C LEU B 117 -32.28 13.70 15.06
N ALA B 118 -32.55 14.99 14.89
CA ALA B 118 -32.87 15.51 13.56
C ALA B 118 -31.70 15.44 12.64
N VAL B 119 -30.47 15.72 13.13
CA VAL B 119 -29.31 15.54 12.23
C VAL B 119 -29.24 14.07 11.81
N VAL B 120 -29.44 13.14 12.75
CA VAL B 120 -29.23 11.73 12.38
C VAL B 120 -30.32 11.29 11.37
N ARG B 121 -31.55 11.80 11.56
CA ARG B 121 -32.68 11.63 10.63
C ARG B 121 -32.39 12.15 9.25
N ASN B 122 -31.86 13.38 9.10
CA ASN B 122 -31.55 13.88 7.73
C ASN B 122 -30.56 13.01 7.10
N GLU B 123 -29.48 12.66 7.83
CA GLU B 123 -28.38 11.83 7.28
C GLU B 123 -28.87 10.43 6.89
N PHE B 124 -29.73 9.84 7.73
CA PHE B 124 -30.27 8.53 7.47
C PHE B 124 -31.14 8.50 6.21
N TYR B 125 -32.19 9.38 6.16
CA TYR B 125 -33.03 9.49 4.94
C TYR B 125 -32.14 9.65 3.72
N ASP B 126 -31.18 10.53 3.74
CA ASP B 126 -30.31 10.72 2.57
C ASP B 126 -29.63 9.41 2.09
N LEU B 127 -28.97 8.70 3.00
CA LEU B 127 -28.30 7.43 2.72
C LEU B 127 -29.32 6.40 2.35
N ARG B 128 -30.43 6.37 3.05
CA ARG B 128 -31.40 5.34 2.80
C ARG B 128 -31.86 5.46 1.31
N ASN B 129 -32.16 6.68 0.89
CA ASN B 129 -32.59 6.92 -0.51
C ASN B 129 -31.58 6.52 -1.53
N LYS B 130 -30.30 6.67 -1.26
CA LYS B 130 -29.35 6.09 -2.16
C LYS B 130 -29.47 4.61 -2.16
N PHE B 131 -29.41 3.99 -0.98
CA PHE B 131 -29.38 2.56 -0.84
C PHE B 131 -30.56 2.01 -1.60
N GLN B 132 -31.67 2.70 -1.63
CA GLN B 132 -32.89 2.12 -2.16
C GLN B 132 -32.72 2.01 -3.68
N THR B 133 -32.28 3.10 -4.31
CA THR B 133 -32.06 3.10 -5.75
C THR B 133 -30.93 2.13 -6.06
N MET B 134 -29.92 2.09 -5.23
CA MET B 134 -28.89 1.07 -5.40
C MET B 134 -29.50 -0.37 -5.51
N LEU B 135 -30.32 -0.82 -4.54
CA LEU B 135 -30.90 -2.18 -4.63
C LEU B 135 -31.89 -2.46 -5.80
N GLN B 136 -32.62 -1.42 -6.26
CA GLN B 136 -33.61 -1.53 -7.37
C GLN B 136 -32.82 -1.67 -8.70
N LEU B 137 -31.80 -0.78 -8.85
CA LEU B 137 -30.81 -0.84 -9.92
C LEU B 137 -30.26 -2.26 -10.03
N GLU B 138 -29.42 -2.70 -9.11
CA GLU B 138 -29.19 -4.14 -9.03
C GLU B 138 -30.58 -4.85 -9.00
N ALA C 5 14.45 -14.95 -3.13
CA ALA C 5 14.93 -15.04 -1.70
C ALA C 5 13.76 -15.04 -0.63
N LEU C 6 14.02 -15.69 0.47
CA LEU C 6 13.16 -15.64 1.65
C LEU C 6 12.67 -14.20 2.03
N ARG C 7 13.59 -13.31 2.31
CA ARG C 7 13.23 -11.96 2.72
C ARG C 7 12.39 -11.18 1.68
N GLU C 8 12.61 -11.43 0.38
CA GLU C 8 11.78 -10.77 -0.63
C GLU C 8 10.37 -11.43 -0.78
N GLN C 9 10.26 -12.76 -0.62
CA GLN C 9 8.98 -13.41 -0.49
C GLN C 9 8.13 -12.81 0.69
N LEU C 10 8.78 -12.55 1.82
CA LEU C 10 8.16 -11.99 2.98
C LEU C 10 7.67 -10.54 2.72
N ASN C 11 8.50 -9.74 2.15
CA ASN C 11 8.12 -8.38 1.82
C ASN C 11 6.89 -8.25 0.93
N ALA C 12 6.81 -9.13 -0.09
CA ALA C 12 5.83 -9.09 -1.12
C ALA C 12 4.55 -9.71 -0.51
N LEU C 13 4.72 -10.76 0.26
CA LEU C 13 3.58 -11.29 0.95
C LEU C 13 2.87 -10.23 1.92
N LEU C 14 3.65 -9.60 2.79
CA LEU C 14 3.20 -8.54 3.61
C LEU C 14 2.62 -7.46 2.77
N SER C 15 3.32 -7.05 1.70
CA SER C 15 2.81 -5.86 0.96
C SER C 15 1.39 -6.18 0.40
N SER C 16 1.24 -7.38 -0.09
CA SER C 16 -0.04 -7.93 -0.57
C SER C 16 -1.20 -8.05 0.48
N MET C 17 -0.85 -8.51 1.70
CA MET C 17 -1.79 -8.57 2.83
C MET C 17 -2.30 -7.16 3.20
N PHE C 18 -1.48 -6.14 3.23
CA PHE C 18 -1.99 -4.74 3.46
C PHE C 18 -2.80 -4.17 2.26
N ALA C 19 -2.29 -4.27 1.07
CA ALA C 19 -3.00 -3.73 -0.19
C ALA C 19 -4.38 -4.26 -0.43
N SER C 20 -4.60 -5.53 -0.17
CA SER C 20 -5.85 -6.13 -0.31
C SER C 20 -6.74 -5.98 0.95
N GLY C 21 -6.24 -5.27 2.00
CA GLY C 21 -7.06 -5.12 3.18
C GLY C 21 -7.32 -6.37 4.01
N LEU C 22 -6.48 -7.41 3.94
CA LEU C 22 -6.61 -8.47 4.86
C LEU C 22 -6.17 -8.09 6.29
N VAL C 23 -5.19 -7.20 6.38
CA VAL C 23 -4.68 -6.68 7.66
C VAL C 23 -4.65 -5.23 7.53
N ASP C 24 -4.83 -4.52 8.66
CA ASP C 24 -4.85 -3.08 8.63
C ASP C 24 -3.83 -2.55 9.60
N GLU C 25 -4.02 -1.32 10.04
CA GLU C 25 -2.94 -0.57 10.67
C GLU C 25 -2.60 -1.16 12.06
N GLN C 26 -3.56 -1.73 12.78
CA GLN C 26 -3.32 -2.52 13.97
C GLN C 26 -2.25 -3.62 13.73
N PHE C 27 -2.27 -4.35 12.64
CA PHE C 27 -1.21 -5.32 12.38
C PHE C 27 0.19 -4.66 12.15
N GLN C 28 0.24 -3.55 11.43
CA GLN C 28 1.52 -2.85 11.24
C GLN C 28 1.99 -2.34 12.60
N GLN C 29 1.10 -1.88 13.41
CA GLN C 29 1.52 -1.46 14.77
C GLN C 29 2.02 -2.69 15.59
N LEU C 30 1.46 -3.88 15.45
CA LEU C 30 2.03 -4.98 16.14
C LEU C 30 3.43 -5.33 15.66
N GLN C 31 3.68 -5.31 14.37
CA GLN C 31 5.07 -5.42 13.89
C GLN C 31 6.00 -4.37 14.45
N MET C 32 5.52 -3.17 14.68
CA MET C 32 6.38 -2.08 15.18
C MET C 32 6.67 -2.28 16.66
N LEU C 33 5.65 -2.68 17.45
CA LEU C 33 5.85 -3.18 18.81
C LEU C 33 6.91 -4.33 18.82
N GLN C 34 6.83 -5.22 17.81
CA GLN C 34 7.74 -6.36 17.73
C GLN C 34 9.21 -5.85 17.76
N GLU C 35 9.59 -4.96 16.82
CA GLU C 35 10.95 -4.38 16.73
C GLU C 35 11.24 -3.47 17.90
N ASP C 36 10.24 -2.89 18.55
CA ASP C 36 10.44 -1.98 19.71
C ASP C 36 10.68 -2.70 21.06
N GLY C 37 10.31 -3.97 21.19
CA GLY C 37 10.13 -4.50 22.54
C GLY C 37 11.17 -5.47 23.00
N GLY C 38 12.24 -5.64 22.21
CA GLY C 38 13.35 -6.52 22.55
C GLY C 38 12.78 -7.90 22.98
N THR C 39 11.61 -8.34 22.46
CA THR C 39 11.01 -9.64 22.88
C THR C 39 10.56 -10.46 21.64
N PRO C 40 11.39 -11.41 21.24
CA PRO C 40 11.12 -12.30 20.10
C PRO C 40 9.83 -13.03 20.34
N GLY C 41 9.05 -13.23 19.27
CA GLY C 41 7.93 -14.15 19.32
C GLY C 41 6.52 -13.56 19.59
N PHE C 42 6.40 -12.26 19.85
CA PHE C 42 5.13 -11.72 20.39
C PHE C 42 4.12 -11.73 19.24
N VAL C 43 4.54 -11.27 18.07
CA VAL C 43 3.64 -11.25 16.90
C VAL C 43 3.12 -12.59 16.59
N ALA C 44 4.01 -13.56 16.53
CA ALA C 44 3.59 -14.91 16.31
C ALA C 44 2.66 -15.49 17.36
N GLU C 45 2.88 -15.22 18.61
CA GLU C 45 2.01 -15.64 19.73
C GLU C 45 0.65 -15.02 19.53
N VAL C 46 0.57 -13.74 19.17
CA VAL C 46 -0.74 -13.11 18.93
C VAL C 46 -1.41 -13.68 17.69
N VAL C 47 -0.66 -13.84 16.59
CA VAL C 47 -1.21 -14.35 15.36
C VAL C 47 -1.62 -15.79 15.56
N THR C 48 -0.90 -16.51 16.35
CA THR C 48 -1.23 -17.95 16.57
C THR C 48 -2.49 -18.11 17.43
N LEU C 49 -2.62 -17.23 18.44
CA LEU C 49 -3.89 -17.09 19.19
C LEU C 49 -5.10 -16.72 18.45
N PHE C 50 -4.99 -15.80 17.53
CA PHE C 50 -6.09 -15.51 16.68
C PHE C 50 -6.48 -16.72 15.87
N CYS C 51 -5.52 -17.40 15.20
CA CYS C 51 -5.81 -18.60 14.42
C CYS C 51 -6.48 -19.66 15.34
N ASP C 52 -6.04 -19.88 16.56
CA ASP C 52 -6.70 -20.96 17.34
C ASP C 52 -8.09 -20.52 17.85
N ASP C 53 -8.17 -19.25 18.27
CA ASP C 53 -9.40 -18.76 18.80
C ASP C 53 -10.42 -18.71 17.66
N ALA C 54 -10.04 -18.13 16.55
CA ALA C 54 -11.04 -17.91 15.56
C ALA C 54 -11.54 -19.17 15.00
N ASP C 55 -10.68 -20.10 14.79
CA ASP C 55 -11.07 -21.43 14.30
C ASP C 55 -12.02 -22.11 15.28
N ARG C 56 -11.71 -22.14 16.55
CA ARG C 56 -12.58 -22.88 17.44
C ARG C 56 -13.93 -22.04 17.49
N ILE C 57 -13.89 -20.67 17.41
CA ILE C 57 -15.18 -19.89 17.60
C ILE C 57 -16.15 -20.10 16.35
N ILE C 58 -15.58 -19.99 15.16
CA ILE C 58 -16.23 -20.32 13.84
C ILE C 58 -16.91 -21.68 13.90
N SER C 59 -16.24 -22.64 14.47
CA SER C 59 -16.90 -23.96 14.66
C SER C 59 -18.04 -24.01 15.69
N GLU C 60 -17.91 -23.29 16.81
CA GLU C 60 -18.89 -23.23 17.82
C GLU C 60 -20.12 -22.57 17.18
N LEU C 61 -19.90 -21.50 16.43
CA LEU C 61 -20.95 -20.77 15.71
C LEU C 61 -21.71 -21.67 14.67
N ALA C 62 -21.00 -22.50 13.96
CA ALA C 62 -21.68 -23.41 12.99
C ALA C 62 -22.59 -24.37 13.68
N ALA C 63 -22.18 -24.96 14.80
CA ALA C 63 -23.00 -25.94 15.53
C ALA C 63 -24.23 -25.30 16.13
N LEU C 64 -24.08 -24.08 16.64
CA LEU C 64 -25.18 -23.29 17.19
C LEU C 64 -26.24 -22.93 16.12
N LEU C 65 -25.76 -22.47 14.99
CA LEU C 65 -26.59 -22.07 13.87
C LEU C 65 -27.32 -23.23 13.20
N ASP C 66 -26.99 -24.39 13.64
CA ASP C 66 -27.57 -25.57 13.11
C ASP C 66 -28.43 -26.26 14.17
N GLN C 67 -28.70 -25.71 15.31
CA GLN C 67 -29.62 -26.43 16.24
C GLN C 67 -31.11 -26.20 15.83
N PRO C 68 -31.98 -27.06 16.25
CA PRO C 68 -33.43 -26.87 15.96
C PRO C 68 -34.01 -25.50 16.29
N ILE C 69 -33.69 -25.11 17.49
CA ILE C 69 -34.01 -23.75 18.00
C ILE C 69 -32.74 -23.05 18.36
N VAL C 70 -32.45 -21.92 17.69
CA VAL C 70 -31.19 -21.25 17.83
C VAL C 70 -31.18 -20.34 19.06
N ASP C 71 -30.13 -20.39 19.80
CA ASP C 71 -29.93 -19.48 20.95
C ASP C 71 -29.09 -18.26 20.44
N PHE C 72 -29.75 -17.24 19.95
CA PHE C 72 -29.13 -16.09 19.39
C PHE C 72 -28.25 -15.28 20.31
N ASP C 73 -28.51 -15.31 21.61
CA ASP C 73 -27.68 -14.64 22.61
C ASP C 73 -26.31 -15.31 22.72
N LYS C 74 -26.25 -16.64 22.73
CA LYS C 74 -24.91 -17.28 22.70
C LYS C 74 -24.16 -17.02 21.35
N VAL C 75 -24.85 -16.99 20.22
CA VAL C 75 -24.24 -16.74 18.95
C VAL C 75 -23.66 -15.33 19.00
N ASP C 76 -24.46 -14.37 19.38
CA ASP C 76 -24.04 -13.01 19.64
C ASP C 76 -22.78 -12.91 20.56
N ALA C 77 -22.71 -13.61 21.65
CA ALA C 77 -21.54 -13.55 22.50
C ALA C 77 -20.29 -14.18 21.77
N TYR C 78 -20.47 -15.25 20.98
CA TYR C 78 -19.36 -15.82 20.25
C TYR C 78 -18.93 -14.84 19.14
N VAL C 79 -19.83 -14.12 18.54
CA VAL C 79 -19.50 -13.17 17.56
C VAL C 79 -18.74 -11.94 18.11
N HIS C 80 -19.16 -11.45 19.23
CA HIS C 80 -18.38 -10.41 19.99
C HIS C 80 -16.92 -10.90 20.30
N GLN C 81 -16.80 -12.16 20.74
CA GLN C 81 -15.45 -12.80 20.94
C GLN C 81 -14.64 -12.92 19.62
N LEU C 82 -15.22 -13.26 18.49
CA LEU C 82 -14.45 -13.27 17.28
C LEU C 82 -14.07 -11.83 16.88
N LYS C 83 -14.97 -10.88 17.14
CA LYS C 83 -14.68 -9.45 16.84
C LYS C 83 -13.45 -9.01 17.59
N GLY C 84 -13.36 -9.34 18.89
CA GLY C 84 -12.19 -9.00 19.75
C GLY C 84 -10.94 -9.77 19.32
N SER C 85 -11.07 -11.04 19.01
CA SER C 85 -9.94 -11.81 18.47
C SER C 85 -9.33 -11.14 17.14
N SER C 86 -10.23 -10.76 16.26
CA SER C 86 -9.86 -10.37 14.96
C SER C 86 -9.28 -8.95 15.08
N ALA C 87 -9.85 -8.13 15.95
CA ALA C 87 -9.31 -6.75 16.21
C ALA C 87 -7.92 -6.85 16.89
N SER C 88 -7.62 -7.94 17.64
CA SER C 88 -6.34 -8.05 18.32
C SER C 88 -5.21 -8.18 17.30
N VAL C 89 -5.47 -8.73 16.11
CA VAL C 89 -4.42 -8.77 15.13
C VAL C 89 -4.58 -7.94 13.89
N GLY C 90 -5.69 -7.19 13.80
CA GLY C 90 -5.95 -6.29 12.72
C GLY C 90 -6.49 -7.02 11.50
N ALA C 91 -7.23 -8.09 11.70
CA ALA C 91 -7.85 -8.87 10.63
C ALA C 91 -9.15 -8.18 10.22
N GLN C 92 -9.00 -7.14 9.42
CA GLN C 92 -9.95 -6.19 9.10
C GLN C 92 -11.14 -6.76 8.47
N LYS C 93 -10.98 -7.63 7.51
CA LYS C 93 -12.19 -8.09 6.83
C LYS C 93 -12.98 -9.01 7.77
N VAL C 94 -12.31 -9.78 8.62
CA VAL C 94 -13.07 -10.65 9.53
C VAL C 94 -13.83 -9.79 10.53
N LYS C 95 -13.22 -8.72 10.99
CA LYS C 95 -13.82 -7.83 11.96
C LYS C 95 -15.11 -7.11 11.42
N PHE C 96 -15.03 -6.66 10.20
CA PHE C 96 -16.10 -6.06 9.51
C PHE C 96 -17.21 -7.02 9.26
N THR C 97 -16.97 -8.22 8.81
CA THR C 97 -18.08 -9.11 8.68
C THR C 97 -18.72 -9.41 10.07
N CYS C 98 -17.96 -9.43 11.16
CA CYS C 98 -18.54 -9.73 12.49
C CYS C 98 -19.62 -8.64 12.87
N MET C 99 -19.46 -7.41 12.38
CA MET C 99 -20.46 -6.40 12.65
C MET C 99 -21.75 -6.67 11.92
N GLN C 100 -21.67 -7.09 10.62
CA GLN C 100 -22.84 -7.50 9.95
C GLN C 100 -23.44 -8.72 10.65
N PHE C 101 -22.60 -9.64 11.03
CA PHE C 101 -23.06 -10.86 11.71
C PHE C 101 -23.82 -10.46 12.91
N ARG C 102 -23.30 -9.53 13.72
CA ARG C 102 -23.96 -9.12 14.94
C ARG C 102 -25.41 -8.63 14.65
N GLN C 103 -25.60 -7.87 13.59
CA GLN C 103 -26.92 -7.24 13.39
C GLN C 103 -27.87 -8.31 12.94
N LEU C 104 -27.38 -9.34 12.22
CA LEU C 104 -28.25 -10.34 11.69
C LEU C 104 -28.72 -11.27 12.90
N CYS C 105 -27.88 -11.39 13.86
CA CYS C 105 -28.08 -12.22 15.03
C CYS C 105 -29.18 -11.58 15.96
N GLN C 106 -29.06 -10.30 16.14
CA GLN C 106 -29.99 -9.41 16.83
C GLN C 106 -31.39 -9.46 16.19
N ASP C 107 -31.42 -9.53 14.86
CA ASP C 107 -32.58 -9.70 14.15
C ASP C 107 -33.08 -11.11 14.10
N LYS C 108 -32.33 -12.07 14.66
CA LYS C 108 -32.78 -13.45 14.84
C LYS C 108 -33.01 -14.05 13.49
N ASN C 109 -32.12 -13.76 12.53
CA ASN C 109 -32.26 -14.25 11.18
C ASN C 109 -31.18 -15.36 10.95
N ARG C 110 -31.56 -16.59 11.19
CA ARG C 110 -30.68 -17.70 11.03
C ARG C 110 -29.99 -17.80 9.65
N ASP C 111 -30.77 -17.72 8.54
CA ASP C 111 -30.26 -17.66 7.20
C ASP C 111 -29.21 -16.65 7.06
N GLY C 112 -29.47 -15.49 7.57
CA GLY C 112 -28.55 -14.40 7.47
C GLY C 112 -27.27 -14.68 8.24
N CYS C 113 -27.38 -15.36 9.36
CA CYS C 113 -26.19 -15.60 10.19
C CYS C 113 -25.35 -16.65 9.58
N ILE C 114 -26.05 -17.66 9.00
CA ILE C 114 -25.33 -18.75 8.28
C ILE C 114 -24.54 -18.18 7.10
N MET C 115 -25.13 -17.27 6.43
CA MET C 115 -24.37 -16.63 5.35
C MET C 115 -23.20 -15.81 5.87
N ALA C 116 -23.44 -14.98 6.89
CA ALA C 116 -22.34 -14.16 7.47
C ALA C 116 -21.17 -15.02 7.95
N LEU C 117 -21.50 -16.15 8.52
CA LEU C 117 -20.53 -17.10 8.96
C LEU C 117 -19.72 -17.77 7.85
N ALA C 118 -20.35 -18.11 6.72
CA ALA C 118 -19.60 -18.58 5.53
C ALA C 118 -18.74 -17.44 5.02
N VAL C 119 -19.17 -16.19 5.01
CA VAL C 119 -18.22 -15.11 4.64
C VAL C 119 -17.01 -14.99 5.62
N VAL C 120 -17.26 -15.06 6.94
CA VAL C 120 -16.24 -14.94 7.97
C VAL C 120 -15.24 -16.04 7.77
N ARG C 121 -15.74 -17.24 7.54
CA ARG C 121 -14.95 -18.42 7.43
C ARG C 121 -14.06 -18.38 6.19
N ASN C 122 -14.52 -17.98 5.02
CA ASN C 122 -13.63 -17.75 3.89
C ASN C 122 -12.67 -16.69 4.24
N GLU C 123 -13.10 -15.63 4.89
CA GLU C 123 -12.09 -14.58 5.13
C GLU C 123 -11.03 -15.04 6.13
N PHE C 124 -11.41 -15.96 7.07
CA PHE C 124 -10.54 -16.32 8.08
C PHE C 124 -9.52 -17.30 7.51
N TYR C 125 -9.98 -18.23 6.68
CA TYR C 125 -9.12 -19.25 6.06
C TYR C 125 -8.12 -18.55 5.09
N ASP C 126 -8.51 -17.52 4.42
CA ASP C 126 -7.57 -16.79 3.44
C ASP C 126 -6.46 -16.15 4.32
N LEU C 127 -6.80 -15.49 5.41
CA LEU C 127 -5.76 -14.77 6.21
C LEU C 127 -4.82 -15.72 6.96
N ARG C 128 -5.40 -16.77 7.45
CA ARG C 128 -4.70 -17.71 8.19
C ARG C 128 -3.63 -18.32 7.31
N ASN C 129 -3.95 -18.80 6.12
CA ASN C 129 -3.00 -19.35 5.16
C ASN C 129 -1.90 -18.34 4.84
N LYS C 130 -2.24 -17.07 4.73
CA LYS C 130 -1.22 -16.02 4.60
C LYS C 130 -0.38 -15.95 5.89
N PHE C 131 -1.03 -16.00 7.05
CA PHE C 131 -0.21 -15.87 8.30
C PHE C 131 0.76 -17.06 8.55
N GLN C 132 0.32 -18.27 8.18
CA GLN C 132 1.08 -19.51 8.22
C GLN C 132 2.36 -19.41 7.29
N THR C 133 2.13 -18.90 6.09
CA THR C 133 3.20 -18.56 5.22
C THR C 133 4.06 -17.53 5.82
N MET C 134 3.52 -16.45 6.31
CA MET C 134 4.35 -15.43 6.94
C MET C 134 5.24 -15.95 8.05
N LEU C 135 4.69 -16.78 8.99
CA LEU C 135 5.43 -17.19 10.17
C LEU C 135 6.37 -18.23 9.57
N GLN C 136 6.00 -19.05 8.57
CA GLN C 136 7.05 -20.01 8.09
C GLN C 136 8.25 -19.27 7.51
N LEU C 137 8.03 -18.25 6.67
CA LEU C 137 9.10 -17.44 6.16
C LEU C 137 9.91 -16.74 7.28
N GLU C 138 9.29 -16.26 8.36
CA GLU C 138 10.05 -15.56 9.35
C GLU C 138 11.00 -16.56 10.10
N GLN C 139 10.50 -17.79 10.35
CA GLN C 139 11.24 -18.93 10.90
C GLN C 139 12.47 -19.24 9.96
N GLN C 140 12.24 -19.46 8.68
CA GLN C 140 13.33 -19.81 7.77
C GLN C 140 14.41 -18.72 7.69
N ILE C 141 14.01 -17.46 7.79
CA ILE C 141 14.94 -16.32 7.86
C ILE C 141 15.82 -16.32 9.14
N GLN C 142 15.28 -16.62 10.33
CA GLN C 142 16.13 -16.92 11.54
C GLN C 142 17.29 -17.96 11.33
N ALA D 5 -11.51 -19.06 -11.54
CA ALA D 5 -12.09 -18.22 -12.63
C ALA D 5 -11.13 -17.06 -13.00
N LEU D 6 -11.44 -16.41 -14.12
CA LEU D 6 -10.48 -15.54 -14.80
C LEU D 6 -10.31 -14.17 -14.08
N ARG D 7 -11.41 -13.57 -13.61
CA ARG D 7 -11.40 -12.30 -12.85
C ARG D 7 -10.54 -12.36 -11.61
N GLU D 8 -10.61 -13.48 -10.88
CA GLU D 8 -9.79 -13.73 -9.67
C GLU D 8 -8.26 -14.14 -9.97
N GLN D 9 -7.97 -14.83 -11.08
CA GLN D 9 -6.58 -15.10 -11.52
C GLN D 9 -5.89 -13.72 -11.90
N LEU D 10 -6.66 -12.84 -12.59
CA LEU D 10 -6.27 -11.46 -12.92
C LEU D 10 -6.09 -10.61 -11.63
N ASN D 11 -6.93 -10.80 -10.63
CA ASN D 11 -6.82 -9.98 -9.45
C ASN D 11 -5.48 -10.30 -8.85
N ALA D 12 -5.17 -11.60 -8.89
CA ALA D 12 -4.06 -12.21 -8.10
C ALA D 12 -2.68 -11.93 -8.72
N LEU D 13 -2.67 -11.98 -10.05
CA LEU D 13 -1.52 -11.66 -10.84
C LEU D 13 -1.16 -10.13 -10.71
N LEU D 14 -2.19 -9.28 -10.69
CA LEU D 14 -2.06 -7.86 -10.47
C LEU D 14 -1.49 -7.59 -9.08
N SER D 15 -2.12 -8.15 -8.03
CA SER D 15 -1.72 -7.99 -6.61
C SER D 15 -0.28 -8.36 -6.44
N SER D 16 0.12 -9.48 -7.09
CA SER D 16 1.54 -9.96 -7.01
C SER D 16 2.58 -8.96 -7.74
N MET D 17 2.22 -8.53 -8.97
CA MET D 17 2.99 -7.48 -9.71
C MET D 17 3.17 -6.22 -8.89
N PHE D 18 2.16 -5.66 -8.27
CA PHE D 18 2.36 -4.51 -7.35
C PHE D 18 3.19 -4.84 -6.07
N ALA D 19 2.88 -5.98 -5.49
CA ALA D 19 3.50 -6.35 -4.16
C ALA D 19 5.04 -6.63 -4.28
N SER D 20 5.39 -7.34 -5.34
CA SER D 20 6.82 -7.56 -5.69
C SER D 20 7.53 -6.25 -6.31
N GLY D 21 6.87 -5.13 -6.42
CA GLY D 21 7.52 -3.91 -7.04
C GLY D 21 7.85 -3.88 -8.55
N LEU D 22 7.38 -4.82 -9.30
CA LEU D 22 7.58 -4.83 -10.74
C LEU D 22 6.98 -3.59 -11.42
N VAL D 23 5.77 -3.21 -10.99
CA VAL D 23 5.01 -1.99 -11.44
C VAL D 23 4.66 -1.14 -10.27
N ASP D 24 4.64 0.16 -10.49
CA ASP D 24 4.43 1.10 -9.42
C ASP D 24 3.19 2.03 -9.74
N GLU D 25 3.10 3.23 -9.19
CA GLU D 25 1.80 3.94 -9.12
C GLU D 25 1.46 4.42 -10.55
N GLN D 26 2.52 4.62 -11.37
CA GLN D 26 2.33 5.06 -12.77
C GLN D 26 1.52 3.96 -13.48
N PHE D 27 1.82 2.68 -13.21
CA PHE D 27 0.99 1.65 -13.79
C PHE D 27 -0.49 1.70 -13.30
N GLN D 28 -0.71 1.95 -12.03
CA GLN D 28 -2.09 2.02 -11.47
C GLN D 28 -2.82 3.19 -12.08
N GLN D 29 -2.14 4.33 -12.28
CA GLN D 29 -2.78 5.45 -12.91
C GLN D 29 -3.11 5.19 -14.42
N LEU D 30 -2.28 4.42 -15.16
CA LEU D 30 -2.64 3.97 -16.47
C LEU D 30 -3.88 3.12 -16.42
N GLN D 31 -4.01 2.21 -15.47
CA GLN D 31 -5.25 1.45 -15.34
C GLN D 31 -6.40 2.37 -15.03
N MET D 32 -6.16 3.43 -14.29
CA MET D 32 -7.26 4.38 -13.98
C MET D 32 -7.69 5.19 -15.20
N LEU D 33 -6.70 5.66 -15.97
CA LEU D 33 -6.95 6.29 -17.30
C LEU D 33 -7.70 5.38 -18.23
N GLN D 34 -7.39 4.07 -18.16
CA GLN D 34 -8.09 3.05 -18.98
C GLN D 34 -9.65 3.17 -18.69
N GLU D 35 -10.07 3.09 -17.42
CA GLU D 35 -11.50 3.17 -17.00
C GLU D 35 -12.10 4.52 -17.29
N ASP D 36 -11.38 5.61 -17.04
CA ASP D 36 -11.88 6.95 -17.28
C ASP D 36 -12.04 7.42 -18.80
N GLY D 37 -11.46 6.71 -19.76
CA GLY D 37 -11.20 7.31 -21.06
C GLY D 37 -12.09 6.78 -22.18
N GLY D 38 -12.99 5.81 -21.87
CA GLY D 38 -13.91 5.27 -22.87
C GLY D 38 -13.17 4.87 -24.16
N THR D 39 -11.87 4.54 -24.13
CA THR D 39 -11.12 4.06 -25.34
C THR D 39 -10.45 2.74 -24.99
N PRO D 40 -11.06 1.62 -25.38
CA PRO D 40 -10.49 0.27 -25.12
C PRO D 40 -9.08 0.10 -25.76
N GLY D 41 -8.20 -0.63 -25.08
CA GLY D 41 -6.91 -1.05 -25.55
C GLY D 41 -5.72 -0.09 -25.33
N PHE D 42 -5.88 1.03 -24.66
CA PHE D 42 -4.77 1.93 -24.44
C PHE D 42 -3.70 1.32 -23.52
N VAL D 43 -4.07 0.71 -22.42
CA VAL D 43 -3.09 0.02 -21.63
C VAL D 43 -2.38 -1.02 -22.43
N ALA D 44 -3.12 -1.85 -23.15
CA ALA D 44 -2.50 -2.93 -23.92
C ALA D 44 -1.51 -2.34 -24.91
N GLU D 45 -1.88 -1.27 -25.54
CA GLU D 45 -1.01 -0.61 -26.50
C GLU D 45 0.26 -0.05 -25.87
N VAL D 46 0.16 0.67 -24.74
CA VAL D 46 1.36 1.14 -24.03
C VAL D 46 2.17 -0.03 -23.43
N VAL D 47 1.55 -0.97 -22.85
CA VAL D 47 2.30 -2.12 -22.40
C VAL D 47 3.01 -2.90 -23.52
N THR D 48 2.31 -3.13 -24.61
CA THR D 48 2.90 -3.80 -25.77
C THR D 48 4.12 -3.04 -26.38
N LEU D 49 3.98 -1.75 -26.50
CA LEU D 49 5.08 -0.94 -26.93
C LEU D 49 6.30 -0.93 -26.04
N PHE D 50 6.15 -0.97 -24.69
CA PHE D 50 7.26 -1.18 -23.81
C PHE D 50 7.86 -2.50 -24.03
N CYS D 51 7.09 -3.60 -23.99
CA CYS D 51 7.72 -4.86 -24.31
C CYS D 51 8.49 -4.82 -25.68
N ASP D 52 7.91 -4.25 -26.74
CA ASP D 52 8.68 -4.20 -27.97
C ASP D 52 9.95 -3.35 -27.92
N ASP D 53 9.80 -2.13 -27.39
CA ASP D 53 10.90 -1.20 -27.44
C ASP D 53 12.01 -1.71 -26.54
N ALA D 54 11.63 -2.31 -25.40
CA ALA D 54 12.65 -2.67 -24.44
C ALA D 54 13.45 -3.90 -24.84
N ASP D 55 12.73 -4.89 -25.27
CA ASP D 55 13.34 -6.01 -25.99
C ASP D 55 14.31 -5.55 -27.09
N ARG D 56 13.94 -4.70 -27.98
CA ARG D 56 14.92 -4.24 -29.00
C ARG D 56 16.15 -3.43 -28.43
N ILE D 57 15.93 -2.53 -27.47
CA ILE D 57 17.02 -1.75 -26.86
C ILE D 57 18.03 -2.59 -26.09
N ILE D 58 17.56 -3.60 -25.34
CA ILE D 58 18.34 -4.40 -24.57
C ILE D 58 19.25 -5.19 -25.55
N SER D 59 18.69 -5.73 -26.63
CA SER D 59 19.54 -6.39 -27.67
C SER D 59 20.55 -5.41 -28.21
N GLU D 60 20.17 -4.21 -28.56
CA GLU D 60 21.16 -3.22 -29.14
C GLU D 60 22.27 -2.95 -28.11
N LEU D 61 21.87 -2.89 -26.84
CA LEU D 61 22.87 -2.63 -25.79
C LEU D 61 23.83 -3.77 -25.68
N ALA D 62 23.35 -5.01 -25.76
CA ALA D 62 24.26 -6.16 -25.69
C ALA D 62 25.27 -6.17 -26.83
N ALA D 63 24.89 -5.81 -28.05
CA ALA D 63 25.79 -5.78 -29.19
C ALA D 63 26.83 -4.70 -29.03
N LEU D 64 26.41 -3.54 -28.57
CA LEU D 64 27.26 -2.43 -28.24
C LEU D 64 28.28 -2.79 -27.17
N LEU D 65 27.87 -3.52 -26.10
CA LEU D 65 28.75 -3.70 -24.98
C LEU D 65 29.71 -4.92 -25.29
N ASP D 66 29.57 -5.47 -26.47
CA ASP D 66 30.35 -6.54 -26.88
C ASP D 66 31.35 -6.13 -28.04
N GLN D 67 31.48 -4.87 -28.43
CA GLN D 67 32.38 -4.51 -29.50
C GLN D 67 33.78 -4.38 -28.94
N PRO D 68 34.77 -4.42 -29.76
CA PRO D 68 36.14 -4.25 -29.24
C PRO D 68 36.47 -2.93 -28.52
N ILE D 69 36.01 -1.88 -29.07
CA ILE D 69 36.03 -0.58 -28.41
C ILE D 69 34.54 -0.04 -28.30
N VAL D 70 34.13 0.17 -27.11
CA VAL D 70 32.77 0.53 -26.78
C VAL D 70 32.51 2.04 -26.95
N ASP D 71 31.42 2.31 -27.59
CA ASP D 71 30.87 3.66 -27.80
C ASP D 71 29.94 3.95 -26.68
N PHE D 72 30.52 4.42 -25.60
CA PHE D 72 29.79 4.70 -24.41
C PHE D 72 28.65 5.75 -24.56
N ASP D 73 28.78 6.70 -25.44
CA ASP D 73 27.76 7.70 -25.71
C ASP D 73 26.58 7.02 -26.37
N LYS D 74 26.81 6.12 -27.35
CA LYS D 74 25.65 5.46 -27.86
C LYS D 74 25.03 4.50 -26.81
N VAL D 75 25.82 3.86 -25.98
CA VAL D 75 25.20 3.01 -24.93
C VAL D 75 24.36 3.92 -24.01
N ASP D 76 24.89 5.07 -23.65
CA ASP D 76 24.16 6.08 -22.83
C ASP D 76 22.76 6.59 -23.45
N ALA D 77 22.73 6.85 -24.72
CA ALA D 77 21.47 7.25 -25.36
C ALA D 77 20.53 6.10 -25.32
N TYR D 78 20.99 4.87 -25.45
CA TYR D 78 20.05 3.74 -25.47
C TYR D 78 19.52 3.53 -24.03
N VAL D 79 20.37 3.70 -23.05
CA VAL D 79 19.95 3.53 -21.70
C VAL D 79 18.89 4.63 -21.37
N HIS D 80 19.12 5.83 -21.76
CA HIS D 80 18.13 6.92 -21.60
C HIS D 80 16.82 6.57 -22.27
N GLN D 81 16.87 6.03 -23.50
CA GLN D 81 15.61 5.51 -24.13
C GLN D 81 14.98 4.31 -23.28
N LEU D 82 15.74 3.38 -22.80
CA LEU D 82 15.08 2.26 -21.96
C LEU D 82 14.42 2.92 -20.67
N LYS D 83 14.96 4.07 -20.28
CA LYS D 83 14.47 4.74 -19.11
C LYS D 83 13.11 5.36 -19.38
N GLY D 84 12.95 5.98 -20.55
CA GLY D 84 11.63 6.53 -20.96
C GLY D 84 10.62 5.37 -21.19
N SER D 85 11.07 4.39 -21.97
CA SER D 85 10.22 3.27 -22.23
C SER D 85 9.65 2.69 -20.85
N SER D 86 10.54 2.46 -19.90
CA SER D 86 10.16 1.81 -18.61
C SER D 86 9.27 2.73 -17.68
N ALA D 87 9.55 4.00 -17.71
CA ALA D 87 8.73 4.98 -17.02
C ALA D 87 7.25 5.08 -17.56
N SER D 88 7.11 4.98 -18.90
CA SER D 88 5.87 5.11 -19.53
C SER D 88 4.89 4.08 -19.00
N VAL D 89 5.34 2.90 -18.55
CA VAL D 89 4.41 1.98 -18.00
C VAL D 89 4.62 1.72 -16.56
N GLY D 90 5.47 2.48 -15.88
CA GLY D 90 5.76 2.25 -14.47
C GLY D 90 6.44 0.92 -14.12
N ALA D 91 7.37 0.45 -15.01
CA ALA D 91 8.16 -0.76 -14.78
C ALA D 91 9.22 -0.33 -13.84
N GLN D 92 8.92 -0.43 -12.57
CA GLN D 92 9.81 0.28 -11.59
C GLN D 92 11.25 -0.26 -11.41
N LYS D 93 11.39 -1.57 -11.33
CA LYS D 93 12.75 -2.15 -11.13
C LYS D 93 13.65 -1.88 -12.36
N VAL D 94 13.10 -1.93 -13.57
CA VAL D 94 13.84 -1.70 -14.80
C VAL D 94 14.31 -0.23 -14.82
N LYS D 95 13.48 0.66 -14.42
CA LYS D 95 13.79 2.07 -14.47
C LYS D 95 14.93 2.47 -13.47
N PHE D 96 14.89 1.93 -12.28
CA PHE D 96 15.96 2.08 -11.29
C PHE D 96 17.27 1.48 -11.75
N THR D 97 17.28 0.25 -12.28
CA THR D 97 18.50 -0.35 -12.76
C THR D 97 19.06 0.63 -13.94
N CYS D 98 18.25 1.32 -14.72
CA CYS D 98 18.79 2.20 -15.76
C CYS D 98 19.59 3.37 -15.20
N MET D 99 19.25 3.83 -14.04
CA MET D 99 19.99 4.91 -13.40
C MET D 99 21.37 4.40 -12.98
N GLN D 100 21.48 3.17 -12.42
CA GLN D 100 22.79 2.64 -12.25
C GLN D 100 23.62 2.49 -13.55
N PHE D 101 22.94 1.94 -14.54
CA PHE D 101 23.48 1.68 -15.86
C PHE D 101 24.01 2.98 -16.38
N ARG D 102 23.28 4.10 -16.28
CA ARG D 102 23.79 5.36 -16.77
C ARG D 102 25.10 5.68 -16.08
N GLN D 103 25.18 5.45 -14.75
CA GLN D 103 26.37 5.97 -14.03
C GLN D 103 27.57 5.18 -14.42
N LEU D 104 27.35 3.85 -14.53
CA LEU D 104 28.44 2.92 -14.86
C LEU D 104 28.90 3.20 -16.32
N CYS D 105 28.02 3.71 -17.12
CA CYS D 105 28.29 3.95 -18.54
C CYS D 105 29.06 5.29 -18.73
N GLN D 106 28.70 6.24 -17.92
CA GLN D 106 29.44 7.50 -17.78
C GLN D 106 30.85 7.23 -17.22
N ASP D 107 30.98 6.15 -16.41
CA ASP D 107 32.27 5.83 -15.86
C ASP D 107 33.18 5.01 -16.81
N LYS D 108 32.59 4.65 -17.97
CA LYS D 108 33.21 3.93 -19.08
C LYS D 108 33.64 2.63 -18.62
N ASN D 109 32.77 1.98 -17.87
CA ASN D 109 33.12 0.70 -17.31
C ASN D 109 32.27 -0.39 -17.98
N ARG D 110 32.84 -1.04 -18.95
CA ARG D 110 32.17 -2.05 -19.72
C ARG D 110 31.65 -3.18 -18.74
N ASP D 111 32.47 -3.69 -17.82
CA ASP D 111 32.11 -4.80 -16.95
C ASP D 111 30.87 -4.42 -16.13
N GLY D 112 30.84 -3.24 -15.62
CA GLY D 112 29.65 -2.71 -14.95
C GLY D 112 28.48 -2.57 -15.81
N CYS D 113 28.68 -2.10 -17.03
CA CYS D 113 27.54 -1.93 -17.98
C CYS D 113 26.92 -3.32 -18.23
N ILE D 114 27.75 -4.31 -18.43
CA ILE D 114 27.27 -5.66 -18.81
C ILE D 114 26.54 -6.35 -17.69
N MET D 115 26.98 -6.11 -16.45
CA MET D 115 26.28 -6.64 -15.33
C MET D 115 24.94 -5.90 -15.14
N ALA D 116 24.95 -4.60 -15.32
CA ALA D 116 23.69 -3.81 -15.20
C ALA D 116 22.67 -4.28 -16.29
N LEU D 117 23.20 -4.51 -17.49
CA LEU D 117 22.36 -5.02 -18.53
C LEU D 117 21.83 -6.41 -18.14
N ALA D 118 22.63 -7.28 -17.58
CA ALA D 118 22.08 -8.61 -17.11
C ALA D 118 20.97 -8.42 -16.03
N VAL D 119 21.03 -7.34 -15.20
CA VAL D 119 19.98 -7.05 -14.23
C VAL D 119 18.74 -6.53 -14.90
N VAL D 120 18.88 -5.59 -15.76
CA VAL D 120 17.76 -5.05 -16.52
C VAL D 120 17.04 -6.19 -17.26
N ARG D 121 17.80 -7.04 -17.90
CA ARG D 121 17.23 -8.09 -18.73
C ARG D 121 16.39 -9.05 -17.92
N ASN D 122 16.93 -9.45 -16.77
CA ASN D 122 16.13 -10.34 -15.86
C ASN D 122 14.89 -9.60 -15.42
N GLU D 123 14.98 -8.31 -15.24
CA GLU D 123 13.86 -7.59 -14.66
C GLU D 123 12.80 -7.43 -15.74
N PHE D 124 13.26 -7.09 -16.96
CA PHE D 124 12.38 -7.04 -18.08
C PHE D 124 11.76 -8.40 -18.38
N TYR D 125 12.49 -9.45 -18.52
CA TYR D 125 11.79 -10.72 -18.82
C TYR D 125 10.65 -11.05 -17.76
N ASP D 126 10.93 -10.80 -16.52
CA ASP D 126 10.03 -11.11 -15.42
C ASP D 126 8.75 -10.27 -15.61
N LEU D 127 8.89 -8.93 -15.80
CA LEU D 127 7.70 -8.06 -16.02
C LEU D 127 6.91 -8.35 -17.32
N ARG D 128 7.65 -8.56 -18.39
CA ARG D 128 7.06 -8.93 -19.67
C ARG D 128 6.26 -10.22 -19.52
N ASN D 129 6.75 -11.27 -18.89
CA ASN D 129 5.92 -12.52 -18.75
C ASN D 129 4.59 -12.28 -18.05
N LYS D 130 4.65 -11.45 -17.04
CA LYS D 130 3.51 -11.07 -16.30
C LYS D 130 2.47 -10.32 -17.16
N PHE D 131 2.99 -9.28 -17.85
CA PHE D 131 2.14 -8.43 -18.63
C PHE D 131 1.50 -9.27 -19.72
N GLN D 132 2.20 -10.20 -20.32
CA GLN D 132 1.66 -11.02 -21.34
C GLN D 132 0.48 -11.90 -20.80
N THR D 133 0.67 -12.40 -19.55
CA THR D 133 -0.38 -13.17 -18.91
C THR D 133 -1.46 -12.22 -18.60
N MET D 134 -1.09 -10.99 -18.22
CA MET D 134 -2.13 -9.98 -17.90
C MET D 134 -2.99 -9.66 -19.19
N LEU D 135 -2.38 -9.27 -20.29
CA LEU D 135 -3.12 -9.06 -21.53
C LEU D 135 -3.97 -10.33 -21.98
N GLN D 136 -3.44 -11.55 -21.90
CA GLN D 136 -4.24 -12.76 -22.26
C GLN D 136 -5.46 -12.96 -21.38
N LEU D 137 -5.33 -12.67 -20.06
CA LEU D 137 -6.44 -12.74 -19.12
C LEU D 137 -7.47 -11.61 -19.37
N GLU D 138 -7.04 -10.41 -19.75
CA GLU D 138 -8.00 -9.34 -20.00
C GLU D 138 -8.83 -9.63 -21.28
N GLN D 139 -8.12 -10.04 -22.34
CA GLN D 139 -8.62 -10.50 -23.63
C GLN D 139 -9.74 -11.57 -23.41
N GLN D 140 -9.57 -12.50 -22.47
CA GLN D 140 -10.54 -13.62 -22.28
C GLN D 140 -11.73 -13.18 -21.42
N ILE D 141 -11.45 -12.38 -20.41
CA ILE D 141 -12.51 -11.61 -19.71
C ILE D 141 -13.50 -10.86 -20.66
N GLN D 142 -13.11 -10.25 -21.78
CA GLN D 142 -14.12 -9.81 -22.77
C GLN D 142 -14.94 -10.98 -23.36
#